data_4MF1
#
_entry.id   4MF1
#
_cell.length_a   39.842
_cell.length_b   51.745
_cell.length_c   66.199
_cell.angle_alpha   99.01
_cell.angle_beta   104.62
_cell.angle_gamma   92.31
#
_symmetry.space_group_name_H-M   'P 1'
#
loop_
_entity.id
_entity.type
_entity.pdbx_description
1 polymer 'Tyrosine-protein kinase ITK/TSK'
2 non-polymer (1S,2S)-2-{4-[(dimethylamino)methyl]phenyl}-N-[6-(1H-pyrazol-4-yl)-1,3-benzothiazol-2-yl]cyclopropanecarboxamide
3 water water
#
_entity_poly.entity_id   1
_entity_poly.type   'polypeptide(L)'
_entity_poly.pdbx_seq_one_letter_code
;GSVIDPSELTFVQEIGSGQFGLVHLGYWLNKDKVAIKTIREGAMSEEDFIEEAEVMMKLSHPKLVQLYGVCLEQAPICLV
FEFMEHGCLSDYLRTQRGLFAAETLLGMCLDVCEGMAYLEEASVIHRDLAARNCLVGENQVIKVSDFGMTRFVLDDQYTS
STGTKFPVKWASPEVFSFSRYSSKSDVWSFGVLMWEVFSEGKIPYENRSNSEVVEDISTGFRLYKPRLASTHVYQIMNHC
WKERPEDRPAFSRLLRQLAAIAASGL
;
_entity_poly.pdbx_strand_id   A,B
#
# COMPACT_ATOMS: atom_id res chain seq x y z
N GLY A 1 -13.71 0.47 -4.01
CA GLY A 1 -12.65 1.39 -4.35
C GLY A 1 -13.17 2.56 -5.17
N SER A 2 -12.28 3.50 -5.52
CA SER A 2 -12.72 4.72 -6.20
C SER A 2 -12.95 4.54 -7.71
N VAL A 3 -14.04 5.10 -8.20
CA VAL A 3 -14.27 5.19 -9.63
C VAL A 3 -13.46 6.37 -10.14
N ILE A 4 -12.84 6.19 -11.29
CA ILE A 4 -11.98 7.20 -11.86
C ILE A 4 -12.53 7.61 -13.21
N ASP A 5 -12.59 8.91 -13.45
CA ASP A 5 -13.15 9.41 -14.71
C ASP A 5 -12.10 9.43 -15.82
N PRO A 6 -12.51 9.01 -17.03
CA PRO A 6 -11.60 9.00 -18.18
C PRO A 6 -10.86 10.33 -18.31
N SER A 7 -11.54 11.42 -17.98
CA SER A 7 -10.95 12.75 -18.15
C SER A 7 -9.74 12.99 -17.26
N GLU A 8 -9.62 12.19 -16.21
CA GLU A 8 -8.58 12.38 -15.21
C GLU A 8 -7.31 11.59 -15.51
N LEU A 9 -7.31 10.87 -16.63
CA LEU A 9 -6.20 10.02 -16.98
C LEU A 9 -5.41 10.56 -18.15
N THR A 10 -4.11 10.72 -17.96
CA THR A 10 -3.21 11.07 -19.05
C THR A 10 -2.42 9.83 -19.47
N PHE A 11 -2.60 9.37 -20.71
CA PHE A 11 -1.86 8.22 -21.23
C PHE A 11 -0.58 8.66 -21.95
N VAL A 12 0.58 8.53 -21.29
CA VAL A 12 1.81 9.10 -21.84
C VAL A 12 2.59 8.19 -22.79
N GLN A 13 2.65 6.89 -22.49
CA GLN A 13 3.36 5.96 -23.36
C GLN A 13 3.02 4.53 -23.01
N GLU A 14 2.84 3.70 -24.04
CA GLU A 14 2.63 2.28 -23.84
C GLU A 14 3.89 1.65 -23.28
N ILE A 15 3.71 0.54 -22.58
CA ILE A 15 4.83 -0.19 -21.99
C ILE A 15 4.39 -1.62 -21.74
N GLY A 16 3.29 -2.02 -22.36
CA GLY A 16 2.71 -3.31 -22.06
C GLY A 16 1.89 -3.93 -23.17
N SER A 17 1.96 -5.26 -23.24
CA SER A 17 1.19 -6.05 -24.19
C SER A 17 0.49 -7.21 -23.45
N GLY A 18 -0.58 -7.75 -24.03
CA GLY A 18 -1.30 -8.82 -23.39
C GLY A 18 -2.31 -9.50 -24.30
N GLY A 21 -4.86 -7.08 -21.30
CA GLY A 21 -4.77 -6.03 -22.31
C GLY A 21 -3.49 -5.22 -22.23
N LEU A 22 -3.52 -4.02 -22.81
CA LEU A 22 -2.34 -3.16 -22.88
C LEU A 22 -2.10 -2.39 -21.59
N VAL A 23 -0.88 -1.87 -21.44
CA VAL A 23 -0.53 -1.06 -20.29
C VAL A 23 0.16 0.24 -20.72
N HIS A 24 -0.23 1.34 -20.09
CA HIS A 24 0.39 2.64 -20.36
C HIS A 24 0.94 3.29 -19.10
N LEU A 25 2.06 3.98 -19.24
CA LEU A 25 2.55 4.91 -18.23
C LEU A 25 1.69 6.15 -18.40
N GLY A 26 1.29 6.76 -17.29
CA GLY A 26 0.43 7.93 -17.35
C GLY A 26 0.36 8.68 -16.04
N TYR A 27 -0.62 9.57 -15.94
CA TYR A 27 -0.86 10.34 -14.74
C TYR A 27 -2.35 10.37 -14.42
N TRP A 28 -2.67 10.54 -13.15
CA TRP A 28 -4.05 10.71 -12.72
C TRP A 28 -4.13 12.07 -12.09
N LEU A 29 -5.12 12.86 -12.49
CA LEU A 29 -5.29 14.23 -11.99
C LEU A 29 -3.99 15.03 -12.16
N ASN A 30 -3.25 14.74 -13.23
CA ASN A 30 -1.98 15.42 -13.49
C ASN A 30 -1.07 15.44 -12.28
N LYS A 31 -1.19 14.43 -11.43
CA LYS A 31 -0.37 14.40 -10.23
C LYS A 31 0.35 13.08 -10.06
N ASP A 32 -0.41 12.02 -9.84
CA ASP A 32 0.18 10.73 -9.47
C ASP A 32 0.61 9.97 -10.69
N LYS A 33 1.86 9.52 -10.69
CA LYS A 33 2.32 8.66 -11.77
C LYS A 33 1.56 7.34 -11.64
N VAL A 34 0.97 6.86 -12.72
CA VAL A 34 0.22 5.61 -12.69
C VAL A 34 0.53 4.71 -13.88
N ALA A 35 0.22 3.43 -13.70
CA ALA A 35 0.22 2.48 -14.81
C ALA A 35 -1.22 2.06 -15.06
N ILE A 36 -1.67 2.24 -16.29
CA ILE A 36 -3.07 2.04 -16.62
C ILE A 36 -3.21 0.76 -17.44
N LYS A 37 -4.09 -0.12 -17.00
CA LYS A 37 -4.30 -1.37 -17.69
C LYS A 37 -5.65 -1.39 -18.35
N THR A 38 -5.66 -1.39 -19.67
CA THR A 38 -6.93 -1.49 -20.41
C THR A 38 -7.27 -2.94 -20.70
N ILE A 39 -8.54 -3.29 -20.52
CA ILE A 39 -9.00 -4.67 -20.69
C ILE A 39 -8.61 -5.25 -22.05
N ALA A 43 -9.74 -11.40 -25.22
CA ALA A 43 -11.04 -11.18 -24.61
C ALA A 43 -11.10 -11.70 -23.18
N MET A 44 -12.20 -11.40 -22.51
CA MET A 44 -12.35 -11.60 -21.08
C MET A 44 -13.46 -10.67 -20.62
N SER A 45 -14.40 -11.16 -19.83
CA SER A 45 -15.56 -10.35 -19.49
C SER A 45 -15.18 -9.09 -18.71
N GLU A 46 -15.97 -8.03 -18.88
CA GLU A 46 -15.77 -6.81 -18.12
C GLU A 46 -15.96 -7.08 -16.64
N GLU A 47 -17.01 -7.82 -16.31
CA GLU A 47 -17.34 -8.09 -14.91
C GLU A 47 -16.22 -8.83 -14.19
N ASP A 48 -15.55 -9.73 -14.90
CA ASP A 48 -14.42 -10.46 -14.32
C ASP A 48 -13.21 -9.55 -14.17
N PHE A 49 -12.95 -8.76 -15.20
CA PHE A 49 -11.84 -7.81 -15.21
C PHE A 49 -11.99 -6.88 -14.01
N ILE A 50 -13.21 -6.42 -13.79
CA ILE A 50 -13.53 -5.52 -12.69
C ILE A 50 -13.46 -6.20 -11.32
N GLU A 51 -13.98 -7.42 -11.23
CA GLU A 51 -14.01 -8.14 -9.96
C GLU A 51 -12.58 -8.43 -9.51
N GLU A 52 -11.72 -8.69 -10.47
CA GLU A 52 -10.30 -8.87 -10.23
C GLU A 52 -9.76 -7.64 -9.48
N ALA A 53 -10.12 -6.45 -9.93
CA ALA A 53 -9.72 -5.22 -9.25
C ALA A 53 -10.34 -5.12 -7.86
N GLU A 54 -11.59 -5.54 -7.76
CA GLU A 54 -12.33 -5.49 -6.51
C GLU A 54 -11.62 -6.32 -5.47
N VAL A 55 -11.14 -7.49 -5.88
CA VAL A 55 -10.41 -8.36 -4.98
C VAL A 55 -9.15 -7.67 -4.45
N MET A 56 -8.33 -7.15 -5.37
CA MET A 56 -7.03 -6.57 -5.00
C MET A 56 -7.16 -5.30 -4.16
N MET A 57 -8.21 -4.52 -4.42
CA MET A 57 -8.41 -3.29 -3.65
C MET A 57 -8.74 -3.57 -2.18
N LYS A 58 -8.98 -4.82 -1.83
CA LYS A 58 -9.25 -5.16 -0.42
C LYS A 58 -8.15 -6.02 0.22
N LEU A 59 -6.99 -6.03 -0.42
CA LEU A 59 -5.85 -6.78 0.07
C LEU A 59 -4.67 -5.83 0.22
N SER A 60 -4.49 -5.34 1.44
CA SER A 60 -3.47 -4.33 1.70
C SER A 60 -2.20 -4.86 2.39
N HIS A 61 -1.13 -4.94 1.62
CA HIS A 61 0.16 -5.35 2.14
C HIS A 61 1.27 -4.60 1.39
N PRO A 62 2.35 -4.20 2.10
CA PRO A 62 3.45 -3.40 1.51
C PRO A 62 4.11 -4.07 0.30
N LYS A 63 4.02 -5.39 0.20
CA LYS A 63 4.65 -6.09 -0.90
C LYS A 63 3.62 -6.60 -1.90
N LEU A 64 2.42 -5.99 -1.87
CA LEU A 64 1.37 -6.24 -2.85
C LEU A 64 1.03 -4.92 -3.56
N VAL A 65 0.96 -4.93 -4.88
CA VAL A 65 0.72 -3.70 -5.63
C VAL A 65 -0.64 -3.07 -5.30
N GLN A 66 -0.75 -1.77 -5.48
CA GLN A 66 -1.98 -1.08 -5.12
C GLN A 66 -2.57 -0.34 -6.31
N LEU A 67 -3.89 -0.18 -6.28
CA LEU A 67 -4.61 0.51 -7.32
C LEU A 67 -5.06 1.86 -6.79
N TYR A 68 -5.09 2.86 -7.66
CA TYR A 68 -5.77 4.09 -7.34
C TYR A 68 -7.27 3.93 -7.60
N GLY A 69 -7.62 3.08 -8.55
CA GLY A 69 -9.02 2.84 -8.81
C GLY A 69 -9.34 2.19 -10.15
N VAL A 70 -10.60 2.32 -10.54
CA VAL A 70 -11.10 1.70 -11.76
C VAL A 70 -11.79 2.72 -12.67
N CYS A 71 -11.53 2.64 -13.97
CA CYS A 71 -12.14 3.56 -14.93
C CYS A 71 -13.08 2.81 -15.85
N LEU A 72 -14.37 2.83 -15.52
CA LEU A 72 -15.37 2.04 -16.25
C LEU A 72 -16.23 2.87 -17.20
N GLU A 73 -16.05 4.18 -17.20
CA GLU A 73 -16.96 5.02 -17.98
C GLU A 73 -16.92 4.65 -19.47
N GLN A 74 -15.74 4.74 -20.07
CA GLN A 74 -15.61 4.56 -21.52
C GLN A 74 -14.77 3.35 -21.91
N ALA A 75 -15.28 2.59 -22.88
CA ALA A 75 -14.56 1.44 -23.43
C ALA A 75 -13.34 1.88 -24.24
N PRO A 76 -12.26 1.12 -24.15
CA PRO A 76 -12.19 -0.05 -23.26
C PRO A 76 -11.93 0.36 -21.81
N ILE A 77 -12.62 -0.29 -20.87
CA ILE A 77 -12.43 0.00 -19.45
C ILE A 77 -10.99 -0.29 -19.04
N CYS A 78 -10.55 0.31 -17.94
CA CYS A 78 -9.20 0.09 -17.45
C CYS A 78 -9.09 0.16 -15.93
N LEU A 79 -7.98 -0.37 -15.42
CA LEU A 79 -7.64 -0.33 -14.00
C LEU A 79 -6.49 0.64 -13.84
N VAL A 80 -6.47 1.38 -12.72
CA VAL A 80 -5.40 2.33 -12.47
C VAL A 80 -4.55 1.97 -11.27
N PHE A 81 -3.32 1.53 -11.54
CA PHE A 81 -2.38 1.03 -10.54
C PHE A 81 -1.38 2.10 -10.20
N GLU A 82 -0.76 2.00 -9.03
CA GLU A 82 0.36 2.86 -8.69
C GLU A 82 1.51 2.57 -9.66
N PHE A 83 2.26 3.61 -10.01
CA PHE A 83 3.38 3.44 -10.92
C PHE A 83 4.57 2.85 -10.16
N MET A 84 5.19 1.84 -10.75
CA MET A 84 6.38 1.22 -10.16
C MET A 84 7.63 1.61 -10.94
N GLU A 85 8.50 2.38 -10.30
CA GLU A 85 9.59 3.08 -10.99
C GLU A 85 10.47 2.22 -11.90
N HIS A 86 10.61 0.95 -11.58
CA HIS A 86 11.49 0.07 -12.36
C HIS A 86 10.74 -1.01 -13.14
N GLY A 87 9.42 -1.02 -13.03
CA GLY A 87 8.62 -1.90 -13.87
C GLY A 87 8.69 -3.36 -13.48
N CYS A 88 8.47 -4.22 -14.48
CA CYS A 88 8.44 -5.66 -14.25
CA CYS A 88 8.44 -5.66 -14.28
C CYS A 88 9.78 -6.20 -13.78
N LEU A 89 9.73 -7.13 -12.82
CA LEU A 89 10.93 -7.69 -12.21
C LEU A 89 11.82 -8.40 -13.23
N SER A 90 11.19 -9.23 -14.07
CA SER A 90 11.93 -9.93 -15.11
C SER A 90 12.77 -8.99 -15.96
N ASP A 91 12.18 -7.89 -16.43
CA ASP A 91 12.94 -6.91 -17.21
C ASP A 91 14.05 -6.31 -16.37
N TYR A 92 13.70 -5.82 -15.19
CA TYR A 92 14.65 -5.18 -14.28
C TYR A 92 15.86 -6.05 -14.00
N LEU A 93 15.63 -7.35 -13.84
CA LEU A 93 16.72 -8.29 -13.56
C LEU A 93 17.69 -8.30 -14.73
N ARG A 94 17.16 -8.31 -15.94
CA ARG A 94 17.98 -8.34 -17.14
C ARG A 94 18.76 -7.05 -17.31
N THR A 95 18.07 -5.91 -17.24
CA THR A 95 18.75 -4.66 -17.51
C THR A 95 19.81 -4.35 -16.46
N GLN A 96 19.58 -4.79 -15.23
CA GLN A 96 20.50 -4.52 -14.14
C GLN A 96 21.50 -5.67 -13.89
N ARG A 97 21.40 -6.72 -14.72
CA ARG A 97 22.32 -7.85 -14.63
C ARG A 97 23.76 -7.39 -14.42
N GLY A 98 24.49 -8.07 -13.52
CA GLY A 98 25.87 -7.73 -13.24
C GLY A 98 26.05 -6.74 -12.09
N LEU A 99 24.99 -6.05 -11.70
CA LEU A 99 25.07 -5.07 -10.60
C LEU A 99 24.57 -5.63 -9.27
N PHE A 100 24.02 -6.84 -9.28
CA PHE A 100 23.36 -7.39 -8.09
C PHE A 100 24.28 -8.13 -7.15
N ALA A 101 24.27 -7.72 -5.89
CA ALA A 101 24.87 -8.51 -4.84
C ALA A 101 23.85 -9.59 -4.42
N ALA A 102 24.34 -10.74 -3.97
CA ALA A 102 23.47 -11.83 -3.56
C ALA A 102 22.48 -11.43 -2.44
N GLU A 103 22.94 -10.60 -1.51
CA GLU A 103 22.09 -10.12 -0.43
C GLU A 103 20.86 -9.41 -0.98
N THR A 104 21.08 -8.64 -2.04
CA THR A 104 20.01 -7.89 -2.70
C THR A 104 19.01 -8.84 -3.35
N LEU A 105 19.52 -9.80 -4.12
CA LEU A 105 18.65 -10.77 -4.75
C LEU A 105 17.85 -11.52 -3.69
N LEU A 106 18.48 -11.88 -2.58
CA LEU A 106 17.74 -12.53 -1.50
C LEU A 106 16.63 -11.62 -0.97
N GLY A 107 16.97 -10.35 -0.76
CA GLY A 107 16.00 -9.38 -0.29
C GLY A 107 14.76 -9.37 -1.18
N MET A 108 14.98 -9.52 -2.48
CA MET A 108 13.87 -9.51 -3.44
C MET A 108 12.94 -10.71 -3.22
N CYS A 109 13.52 -11.88 -2.98
CA CYS A 109 12.72 -13.07 -2.73
C CYS A 109 11.97 -12.89 -1.43
N LEU A 110 12.61 -12.22 -0.48
CA LEU A 110 11.98 -11.95 0.81
C LEU A 110 10.73 -11.11 0.65
N ASP A 111 10.81 -10.07 -0.17
CA ASP A 111 9.65 -9.20 -0.40
C ASP A 111 8.48 -9.99 -0.96
N VAL A 112 8.74 -10.82 -1.97
CA VAL A 112 7.68 -11.52 -2.65
C VAL A 112 7.04 -12.50 -1.70
N CYS A 113 7.89 -13.15 -0.89
CA CYS A 113 7.42 -14.17 0.01
C CYS A 113 6.54 -13.55 1.10
N GLU A 114 6.90 -12.36 1.55
CA GLU A 114 6.05 -11.59 2.47
C GLU A 114 4.67 -11.30 1.85
N GLY A 115 4.68 -10.85 0.60
CA GLY A 115 3.43 -10.65 -0.12
C GLY A 115 2.60 -11.93 -0.17
N MET A 116 3.22 -13.03 -0.58
CA MET A 116 2.51 -14.30 -0.74
C MET A 116 2.04 -14.91 0.58
N ALA A 117 2.78 -14.68 1.66
CA ALA A 117 2.36 -15.22 2.95
C ALA A 117 1.05 -14.55 3.39
N TYR A 118 0.91 -13.29 3.01
CA TYR A 118 -0.32 -12.54 3.27
C TYR A 118 -1.45 -13.13 2.43
N LEU A 119 -1.19 -13.35 1.16
CA LEU A 119 -2.22 -13.89 0.29
C LEU A 119 -2.65 -15.28 0.75
N GLU A 120 -1.67 -16.10 1.09
CA GLU A 120 -1.91 -17.42 1.63
C GLU A 120 -2.85 -17.33 2.83
N GLU A 121 -2.55 -16.40 3.73
CA GLU A 121 -3.38 -16.22 4.91
C GLU A 121 -4.81 -15.84 4.51
N ALA A 122 -4.93 -15.07 3.42
CA ALA A 122 -6.22 -14.59 2.96
C ALA A 122 -6.98 -15.63 2.15
N SER A 123 -6.43 -16.83 2.05
CA SER A 123 -7.03 -17.88 1.22
C SER A 123 -7.14 -17.39 -0.21
N VAL A 124 -6.07 -16.75 -0.69
CA VAL A 124 -6.03 -16.34 -2.08
C VAL A 124 -4.95 -17.15 -2.81
N ILE A 125 -5.34 -17.83 -3.88
CA ILE A 125 -4.36 -18.54 -4.72
C ILE A 125 -4.05 -17.70 -5.95
N HIS A 126 -2.77 -17.39 -6.14
CA HIS A 126 -2.35 -16.54 -7.24
C HIS A 126 -2.54 -17.25 -8.59
N ARG A 127 -1.98 -18.46 -8.70
CA ARG A 127 -2.11 -19.27 -9.92
C ARG A 127 -1.14 -18.91 -11.04
N ASP A 128 -0.51 -17.74 -10.96
CA ASP A 128 0.42 -17.34 -12.01
C ASP A 128 1.59 -16.54 -11.46
N LEU A 129 2.16 -17.01 -10.36
CA LEU A 129 3.26 -16.30 -9.72
C LEU A 129 4.54 -16.52 -10.54
N ALA A 130 5.17 -15.42 -10.92
CA ALA A 130 6.34 -15.42 -11.78
C ALA A 130 6.91 -13.99 -11.73
N ALA A 131 8.19 -13.85 -12.08
CA ALA A 131 8.88 -12.57 -12.00
C ALA A 131 8.17 -11.57 -12.88
N ARG A 132 7.66 -12.06 -14.00
CA ARG A 132 6.96 -11.19 -14.92
C ARG A 132 5.70 -10.62 -14.27
N ASN A 133 5.25 -11.26 -13.18
CA ASN A 133 4.07 -10.79 -12.43
C ASN A 133 4.43 -10.16 -11.10
N CYS A 134 5.65 -9.62 -11.02
CA CYS A 134 6.10 -8.84 -9.87
C CYS A 134 6.61 -7.49 -10.37
N LEU A 135 6.57 -6.46 -9.52
CA LEU A 135 7.02 -5.14 -9.94
C LEU A 135 8.08 -4.56 -9.02
N VAL A 136 8.89 -3.65 -9.55
CA VAL A 136 10.06 -3.14 -8.84
C VAL A 136 9.90 -1.66 -8.64
N GLY A 137 9.83 -1.25 -7.38
CA GLY A 137 9.54 0.14 -7.06
C GLY A 137 10.74 0.88 -6.51
N GLU A 138 10.45 1.92 -5.73
CA GLU A 138 11.45 2.75 -5.05
C GLU A 138 12.37 1.91 -4.22
N ASN A 139 13.67 2.15 -4.35
CA ASN A 139 14.67 1.41 -3.60
C ASN A 139 14.59 -0.08 -3.81
N GLN A 140 14.11 -0.47 -5.00
CA GLN A 140 14.17 -1.87 -5.39
C GLN A 140 13.27 -2.76 -4.57
N VAL A 141 12.30 -2.17 -3.88
CA VAL A 141 11.28 -2.96 -3.21
C VAL A 141 10.48 -3.67 -4.28
N ILE A 142 10.11 -4.91 -4.00
CA ILE A 142 9.38 -5.74 -4.97
C ILE A 142 7.94 -5.93 -4.50
N LYS A 143 6.99 -5.80 -5.42
CA LYS A 143 5.60 -6.10 -5.12
C LYS A 143 5.03 -7.17 -6.05
N VAL A 144 4.10 -7.96 -5.52
CA VAL A 144 3.40 -8.94 -6.31
C VAL A 144 2.23 -8.26 -7.03
N SER A 145 1.94 -8.71 -8.24
CA SER A 145 0.87 -8.13 -9.04
C SER A 145 -0.07 -9.23 -9.52
N ASP A 146 -1.18 -8.85 -10.16
CA ASP A 146 -2.14 -9.80 -10.73
C ASP A 146 -2.52 -10.93 -9.78
N PHE A 147 -2.80 -10.60 -8.53
CA PHE A 147 -3.13 -11.61 -7.55
C PHE A 147 -4.63 -11.69 -7.23
N GLY A 148 -5.48 -11.32 -8.18
CA GLY A 148 -6.91 -11.36 -7.94
C GLY A 148 -7.72 -12.19 -8.92
N MET A 149 -7.10 -13.18 -9.56
CA MET A 149 -7.76 -13.99 -10.58
C MET A 149 -8.81 -14.92 -9.98
N PRO A 167 0.97 -21.58 -18.29
CA PRO A 167 2.42 -21.42 -18.11
C PRO A 167 3.02 -22.61 -17.36
N VAL A 168 3.24 -23.72 -18.06
CA VAL A 168 3.67 -24.95 -17.39
C VAL A 168 4.98 -24.79 -16.59
N LYS A 169 5.82 -23.85 -17.00
CA LYS A 169 7.16 -23.73 -16.43
C LYS A 169 7.17 -23.29 -14.98
N TRP A 170 6.06 -22.69 -14.54
CA TRP A 170 5.92 -22.29 -13.15
C TRP A 170 4.91 -23.16 -12.42
N ALA A 171 4.41 -24.19 -13.10
CA ALA A 171 3.34 -25.00 -12.54
C ALA A 171 3.84 -26.22 -11.77
N SER A 172 3.29 -26.43 -10.58
CA SER A 172 3.60 -27.62 -9.78
C SER A 172 3.11 -28.86 -10.51
N PRO A 173 3.61 -30.04 -10.12
CA PRO A 173 3.23 -31.30 -10.77
C PRO A 173 1.74 -31.64 -10.59
N GLU A 174 1.19 -31.42 -9.41
CA GLU A 174 -0.22 -31.73 -9.20
C GLU A 174 -1.09 -30.76 -10.00
N VAL A 175 -0.57 -29.56 -10.26
CA VAL A 175 -1.28 -28.61 -11.12
C VAL A 175 -1.30 -29.04 -12.59
N PHE A 176 -0.12 -29.17 -13.20
CA PHE A 176 -0.10 -29.58 -14.60
C PHE A 176 -0.61 -31.01 -14.82
N SER A 177 -0.68 -31.81 -13.75
CA SER A 177 -1.20 -33.17 -13.87
C SER A 177 -2.67 -33.33 -13.47
N PHE A 178 -3.07 -32.70 -12.36
CA PHE A 178 -4.46 -32.85 -11.88
C PHE A 178 -5.24 -31.54 -11.79
N SER A 179 -4.64 -30.45 -12.25
CA SER A 179 -5.26 -29.12 -12.15
C SER A 179 -5.64 -28.77 -10.71
N ARG A 180 -4.79 -29.15 -9.78
CA ARG A 180 -5.07 -29.02 -8.36
C ARG A 180 -4.25 -27.88 -7.74
N TYR A 181 -4.84 -26.69 -7.72
CA TYR A 181 -4.17 -25.51 -7.19
C TYR A 181 -4.30 -25.42 -5.68
N SER A 182 -3.32 -24.80 -5.05
CA SER A 182 -3.38 -24.49 -3.64
C SER A 182 -2.27 -23.50 -3.39
N SER A 183 -2.17 -22.99 -2.17
CA SER A 183 -1.07 -22.10 -1.86
C SER A 183 0.24 -22.86 -2.01
N LYS A 184 0.15 -24.19 -1.92
CA LYS A 184 1.33 -25.03 -2.12
C LYS A 184 1.78 -25.06 -3.59
N SER A 185 0.83 -25.03 -4.52
CA SER A 185 1.21 -24.90 -5.91
C SER A 185 1.84 -23.52 -6.14
N ASP A 186 1.36 -22.51 -5.43
CA ASP A 186 1.97 -21.19 -5.49
C ASP A 186 3.42 -21.24 -5.00
N VAL A 187 3.66 -21.99 -3.94
CA VAL A 187 5.02 -22.13 -3.42
C VAL A 187 5.99 -22.70 -4.47
N TRP A 188 5.52 -23.70 -5.21
CA TRP A 188 6.31 -24.25 -6.31
C TRP A 188 6.70 -23.12 -7.23
N SER A 189 5.70 -22.37 -7.68
CA SER A 189 5.92 -21.24 -8.55
C SER A 189 6.92 -20.26 -7.95
N PHE A 190 6.83 -20.06 -6.65
CA PHE A 190 7.76 -19.16 -5.98
C PHE A 190 9.20 -19.65 -6.08
N GLY A 191 9.39 -20.96 -6.02
CA GLY A 191 10.70 -21.54 -6.19
C GLY A 191 11.28 -21.15 -7.53
N VAL A 192 10.47 -21.30 -8.57
CA VAL A 192 10.89 -20.91 -9.91
C VAL A 192 11.13 -19.40 -9.99
N LEU A 193 10.32 -18.62 -9.30
CA LEU A 193 10.58 -17.20 -9.22
C LEU A 193 11.95 -16.93 -8.60
N MET A 194 12.28 -17.63 -7.53
CA MET A 194 13.61 -17.53 -6.92
C MET A 194 14.72 -17.82 -7.93
N TRP A 195 14.53 -18.86 -8.73
CA TRP A 195 15.53 -19.17 -9.73
C TRP A 195 15.68 -17.99 -10.68
N GLU A 196 14.57 -17.51 -11.23
CA GLU A 196 14.59 -16.32 -12.08
C GLU A 196 15.41 -15.19 -11.44
N VAL A 197 15.14 -14.91 -10.17
CA VAL A 197 15.82 -13.81 -9.47
C VAL A 197 17.33 -14.06 -9.33
N PHE A 198 17.69 -15.21 -8.81
CA PHE A 198 19.11 -15.46 -8.58
C PHE A 198 19.92 -15.60 -9.87
N SER A 199 19.26 -16.05 -10.93
CA SER A 199 19.88 -16.13 -12.24
C SER A 199 19.87 -14.78 -12.94
N GLU A 200 19.43 -13.73 -12.25
CA GLU A 200 19.38 -12.41 -12.85
C GLU A 200 18.49 -12.38 -14.09
N GLY A 201 17.40 -13.12 -14.07
CA GLY A 201 16.38 -12.98 -15.11
C GLY A 201 16.53 -13.90 -16.30
N LYS A 202 17.20 -15.03 -16.11
CA LYS A 202 17.30 -16.01 -17.19
C LYS A 202 15.95 -16.71 -17.37
N ILE A 203 15.78 -17.40 -18.49
CA ILE A 203 14.52 -18.09 -18.76
C ILE A 203 14.59 -19.54 -18.35
N PRO A 204 13.65 -19.97 -17.49
CA PRO A 204 13.66 -21.34 -16.96
C PRO A 204 13.32 -22.40 -18.02
N TYR A 205 14.00 -23.54 -17.95
CA TYR A 205 13.83 -24.60 -18.94
C TYR A 205 13.82 -24.05 -20.36
N GLU A 206 14.70 -23.10 -20.63
CA GLU A 206 14.75 -22.48 -21.95
C GLU A 206 14.83 -23.53 -23.06
N ASN A 207 14.17 -23.24 -24.18
CA ASN A 207 14.10 -24.15 -25.32
C ASN A 207 13.54 -25.55 -25.06
N ARG A 208 12.91 -25.75 -23.90
CA ARG A 208 12.19 -26.99 -23.62
C ARG A 208 10.71 -26.85 -23.92
N SER A 209 10.14 -27.83 -24.60
CA SER A 209 8.70 -27.81 -24.86
C SER A 209 7.95 -28.05 -23.56
N ASN A 210 6.66 -27.75 -23.57
CA ASN A 210 5.82 -28.02 -22.40
C ASN A 210 5.82 -29.49 -22.02
N SER A 211 5.69 -30.37 -23.00
CA SER A 211 5.66 -31.79 -22.73
C SER A 211 6.97 -32.25 -22.10
N GLU A 212 8.06 -31.61 -22.53
CA GLU A 212 9.39 -31.94 -22.03
C GLU A 212 9.58 -31.51 -20.59
N VAL A 213 9.07 -30.32 -20.26
CA VAL A 213 9.08 -29.84 -18.90
C VAL A 213 8.34 -30.81 -17.99
N VAL A 214 7.12 -31.19 -18.40
CA VAL A 214 6.27 -32.04 -17.58
C VAL A 214 6.96 -33.37 -17.28
N GLU A 215 7.38 -34.07 -18.33
CA GLU A 215 8.01 -35.36 -18.12
C GLU A 215 9.33 -35.23 -17.34
N ASP A 216 10.12 -34.21 -17.67
CA ASP A 216 11.38 -33.97 -16.98
C ASP A 216 11.17 -33.76 -15.49
N ILE A 217 10.22 -32.92 -15.12
CA ILE A 217 9.95 -32.68 -13.72
C ILE A 217 9.33 -33.87 -13.00
N SER A 218 8.38 -34.54 -13.66
CA SER A 218 7.77 -35.75 -13.11
C SER A 218 8.86 -36.78 -12.84
N THR A 219 9.94 -36.70 -13.62
CA THR A 219 11.04 -37.64 -13.48
C THR A 219 12.00 -37.25 -12.35
N GLY A 220 11.90 -36.02 -11.86
CA GLY A 220 12.74 -35.59 -10.75
C GLY A 220 13.74 -34.49 -11.11
N PHE A 221 13.76 -34.09 -12.37
CA PHE A 221 14.63 -33.01 -12.81
C PHE A 221 14.24 -31.69 -12.16
N ARG A 222 15.24 -30.93 -11.72
CA ARG A 222 15.01 -29.58 -11.22
C ARG A 222 16.01 -28.61 -11.83
N LEU A 223 15.68 -27.33 -11.80
CA LEU A 223 16.53 -26.29 -12.37
C LEU A 223 17.85 -26.24 -11.63
N TYR A 224 18.92 -25.96 -12.37
CA TYR A 224 20.26 -25.86 -11.78
C TYR A 224 20.44 -24.64 -10.85
N LYS A 225 21.43 -24.71 -9.98
CA LYS A 225 21.74 -23.61 -9.07
C LYS A 225 22.46 -22.51 -9.81
N PRO A 226 21.85 -21.32 -9.86
CA PRO A 226 22.56 -20.18 -10.48
C PRO A 226 23.78 -19.78 -9.63
N ARG A 227 24.86 -19.34 -10.25
CA ARG A 227 26.09 -19.07 -9.51
C ARG A 227 25.96 -18.07 -8.35
N LEU A 228 25.03 -17.13 -8.45
CA LEU A 228 24.87 -16.14 -7.39
C LEU A 228 24.04 -16.73 -6.23
N ALA A 229 23.49 -17.93 -6.43
CA ALA A 229 22.73 -18.60 -5.37
C ALA A 229 23.66 -19.47 -4.56
N SER A 230 23.77 -19.19 -3.26
CA SER A 230 24.55 -20.04 -2.39
C SER A 230 23.84 -21.39 -2.29
N THR A 231 24.53 -22.33 -1.68
CA THR A 231 23.98 -23.67 -1.48
C THR A 231 22.76 -23.56 -0.56
N HIS A 232 22.84 -22.70 0.43
CA HIS A 232 21.71 -22.43 1.32
C HIS A 232 20.47 -21.97 0.55
N VAL A 233 20.66 -21.02 -0.37
CA VAL A 233 19.56 -20.56 -1.20
C VAL A 233 19.00 -21.70 -2.05
N TYR A 234 19.89 -22.47 -2.68
CA TYR A 234 19.45 -23.57 -3.53
C TYR A 234 18.67 -24.61 -2.73
N GLN A 235 19.07 -24.83 -1.49
CA GLN A 235 18.34 -25.75 -0.61
C GLN A 235 16.88 -25.34 -0.56
N ILE A 236 16.64 -24.08 -0.24
CA ILE A 236 15.28 -23.59 -0.11
C ILE A 236 14.51 -23.74 -1.43
N MET A 237 15.11 -23.33 -2.55
CA MET A 237 14.50 -23.58 -3.85
C MET A 237 13.96 -25.01 -3.95
N ASN A 238 14.78 -25.97 -3.55
CA ASN A 238 14.41 -27.38 -3.67
C ASN A 238 13.27 -27.79 -2.73
N HIS A 239 13.18 -27.13 -1.58
CA HIS A 239 12.04 -27.33 -0.70
C HIS A 239 10.76 -26.91 -1.40
N CYS A 240 10.83 -25.80 -2.14
CA CYS A 240 9.68 -25.31 -2.88
C CYS A 240 9.28 -26.27 -3.97
N TRP A 241 10.25 -27.04 -4.45
CA TRP A 241 10.04 -27.94 -5.57
C TRP A 241 9.84 -29.40 -5.13
N LYS A 242 9.39 -29.60 -3.90
CA LYS A 242 9.06 -30.94 -3.44
C LYS A 242 7.84 -31.44 -4.20
N GLU A 243 7.91 -32.68 -4.66
CA GLU A 243 6.86 -33.25 -5.49
C GLU A 243 5.48 -33.24 -4.83
N ARG A 244 5.42 -33.58 -3.55
CA ARG A 244 4.16 -33.56 -2.81
C ARG A 244 3.97 -32.19 -2.19
N PRO A 245 2.78 -31.60 -2.37
CA PRO A 245 2.47 -30.29 -1.82
C PRO A 245 2.67 -30.26 -0.31
N GLU A 246 2.29 -31.34 0.37
CA GLU A 246 2.40 -31.36 1.83
C GLU A 246 3.84 -31.28 2.33
N ASP A 247 4.81 -31.58 1.48
CA ASP A 247 6.23 -31.47 1.87
C ASP A 247 6.83 -30.12 1.56
N ARG A 248 6.11 -29.30 0.80
CA ARG A 248 6.56 -27.93 0.60
C ARG A 248 6.13 -27.08 1.79
N PRO A 249 7.00 -26.15 2.22
CA PRO A 249 6.68 -25.24 3.32
C PRO A 249 5.60 -24.24 2.89
N ALA A 250 4.72 -23.84 3.83
CA ALA A 250 3.79 -22.75 3.53
C ALA A 250 4.61 -21.49 3.42
N PHE A 251 4.08 -20.49 2.71
CA PHE A 251 4.77 -19.21 2.57
C PHE A 251 5.15 -18.65 3.93
N SER A 252 4.29 -18.83 4.93
CA SER A 252 4.57 -18.28 6.26
C SER A 252 5.82 -18.90 6.91
N ARG A 253 6.06 -20.17 6.65
CA ARG A 253 7.24 -20.83 7.17
C ARG A 253 8.44 -20.53 6.24
N LEU A 254 8.18 -20.54 4.94
CA LEU A 254 9.21 -20.23 3.96
C LEU A 254 9.84 -18.86 4.22
N LEU A 255 9.05 -17.94 4.76
CA LEU A 255 9.52 -16.59 5.01
C LEU A 255 10.65 -16.61 6.03
N ARG A 256 10.45 -17.39 7.09
CA ARG A 256 11.45 -17.50 8.16
C ARG A 256 12.71 -18.26 7.72
N GLN A 257 12.53 -19.24 6.83
CA GLN A 257 13.68 -19.94 6.28
C GLN A 257 14.57 -18.97 5.51
N LEU A 258 13.97 -18.15 4.65
CA LEU A 258 14.72 -17.18 3.86
C LEU A 258 15.42 -16.16 4.74
N ALA A 259 14.72 -15.66 5.75
CA ALA A 259 15.28 -14.67 6.65
C ALA A 259 16.45 -15.25 7.43
N ALA A 260 16.32 -16.52 7.84
CA ALA A 260 17.41 -17.20 8.53
C ALA A 260 18.71 -17.21 7.70
N ILE A 261 18.58 -17.51 6.41
CA ILE A 261 19.75 -17.48 5.52
C ILE A 261 20.43 -16.11 5.54
N ALA A 262 19.63 -15.06 5.40
CA ALA A 262 20.19 -13.71 5.46
C ALA A 262 20.94 -13.51 6.76
N ALA A 263 20.29 -13.81 7.88
CA ALA A 263 20.86 -13.59 9.21
C ALA A 263 22.16 -14.37 9.48
N SER A 264 22.32 -15.53 8.83
CA SER A 264 23.50 -16.37 9.08
C SER A 264 24.74 -15.91 8.31
N GLY A 265 24.53 -15.12 7.26
CA GLY A 265 25.60 -14.59 6.44
C GLY A 265 26.40 -15.67 5.73
N GLY B 1 -4.64 -11.09 7.89
CA GLY B 1 -3.27 -10.68 7.68
C GLY B 1 -2.31 -11.67 8.32
N SER B 2 -1.01 -11.38 8.19
CA SER B 2 0.02 -12.27 8.70
C SER B 2 0.24 -12.06 10.19
N VAL B 3 0.52 -13.17 10.89
CA VAL B 3 0.94 -13.10 12.27
C VAL B 3 2.45 -12.91 12.31
N ILE B 4 2.93 -12.07 13.22
CA ILE B 4 4.38 -11.82 13.32
C ILE B 4 4.94 -12.25 14.69
N ASP B 5 5.94 -13.13 14.65
CA ASP B 5 6.53 -13.66 15.86
C ASP B 5 7.41 -12.59 16.52
N PRO B 6 7.32 -12.48 17.85
CA PRO B 6 8.11 -11.46 18.58
C PRO B 6 9.60 -11.57 18.33
N SER B 7 10.09 -12.75 17.98
CA SER B 7 11.53 -12.92 17.77
C SER B 7 11.96 -12.17 16.53
N GLU B 8 11.00 -11.87 15.66
CA GLU B 8 11.28 -11.31 14.34
C GLU B 8 11.38 -9.78 14.36
N LEU B 9 11.16 -9.20 15.52
CA LEU B 9 11.15 -7.74 15.66
C LEU B 9 12.34 -7.23 16.46
N THR B 10 13.03 -6.25 15.91
CA THR B 10 14.11 -5.56 16.60
C THR B 10 13.62 -4.16 16.94
N PHE B 11 13.63 -3.80 18.22
CA PHE B 11 13.19 -2.48 18.64
C PHE B 11 14.40 -1.57 18.75
N VAL B 12 14.48 -0.57 17.88
CA VAL B 12 15.68 0.29 17.84
C VAL B 12 15.57 1.50 18.75
N GLN B 13 14.60 2.37 18.47
CA GLN B 13 14.37 3.52 19.35
C GLN B 13 12.91 3.88 19.42
N GLU B 14 12.48 4.32 20.61
CA GLU B 14 11.15 4.86 20.78
C GLU B 14 11.05 6.14 19.97
N ILE B 15 9.96 6.28 19.23
CA ILE B 15 9.76 7.50 18.44
C ILE B 15 8.46 8.19 18.82
N GLY B 16 7.62 7.52 19.61
CA GLY B 16 6.35 8.10 20.01
C GLY B 16 5.71 7.48 21.24
N SER B 17 4.86 8.26 21.90
CA SER B 17 4.06 7.81 23.04
C SER B 17 2.65 8.39 22.93
N GLY B 18 1.70 7.83 23.69
CA GLY B 18 0.33 8.27 23.64
C GLY B 18 -0.63 7.33 24.35
N GLY B 21 -0.74 3.52 22.98
CA GLY B 21 0.52 2.83 23.20
C GLY B 21 1.76 3.56 22.70
N LEU B 22 2.92 2.92 22.83
CA LEU B 22 4.18 3.48 22.36
C LEU B 22 4.45 3.09 20.93
N VAL B 23 5.28 3.89 20.26
CA VAL B 23 5.72 3.58 18.90
C VAL B 23 7.25 3.52 18.85
N HIS B 24 7.77 2.47 18.23
CA HIS B 24 9.20 2.30 18.10
C HIS B 24 9.62 2.17 16.64
N LEU B 25 10.76 2.76 16.30
CA LEU B 25 11.42 2.45 15.04
C LEU B 25 12.03 1.07 15.23
N GLY B 26 11.87 0.20 14.24
CA GLY B 26 12.43 -1.14 14.34
C GLY B 26 12.60 -1.83 12.99
N TYR B 27 12.94 -3.11 13.05
CA TYR B 27 13.05 -3.91 11.83
C TYR B 27 12.29 -5.20 12.02
N TRP B 28 11.73 -5.69 10.94
CA TRP B 28 11.14 -7.02 10.96
C TRP B 28 12.06 -7.91 10.14
N LEU B 29 12.44 -9.06 10.70
CA LEU B 29 13.33 -10.00 10.01
C LEU B 29 14.69 -9.36 9.67
N ASN B 30 15.15 -8.45 10.51
CA ASN B 30 16.42 -7.77 10.28
C ASN B 30 16.45 -7.12 8.90
N LYS B 31 15.29 -6.83 8.34
CA LYS B 31 15.21 -6.38 6.97
C LYS B 31 14.34 -5.12 6.77
N ASP B 32 13.03 -5.29 6.92
CA ASP B 32 12.11 -4.19 6.63
C ASP B 32 12.04 -3.18 7.76
N LYS B 33 12.27 -1.92 7.43
CA LYS B 33 12.17 -0.87 8.43
C LYS B 33 10.70 -0.72 8.82
N VAL B 34 10.40 -0.74 10.12
CA VAL B 34 9.03 -0.74 10.57
C VAL B 34 8.78 0.20 11.73
N ALA B 35 7.54 0.65 11.84
CA ALA B 35 7.09 1.35 13.04
C ALA B 35 6.21 0.38 13.82
N ILE B 36 6.65 0.03 15.03
CA ILE B 36 5.93 -0.91 15.87
C ILE B 36 5.11 -0.17 16.91
N LYS B 37 3.82 -0.47 16.95
CA LYS B 37 2.92 0.18 17.89
C LYS B 37 2.48 -0.81 18.95
N THR B 38 2.99 -0.63 20.15
CA THR B 38 2.67 -1.53 21.25
C THR B 38 1.44 -1.00 22.01
N ILE B 39 0.48 -1.88 22.29
CA ILE B 39 -0.77 -1.46 22.90
C ILE B 39 -0.54 -0.81 24.26
N ALA B 43 -4.09 1.44 28.94
CA ALA B 43 -5.27 0.57 28.98
C ALA B 43 -6.19 0.75 27.77
N MET B 44 -6.65 -0.37 27.23
CA MET B 44 -7.57 -0.41 26.09
C MET B 44 -7.72 -1.87 25.73
N SER B 45 -8.83 -2.23 25.09
CA SER B 45 -9.12 -3.63 24.80
C SER B 45 -8.21 -4.25 23.74
N GLU B 46 -7.67 -5.43 24.03
CA GLU B 46 -6.85 -6.14 23.06
C GLU B 46 -7.64 -6.45 21.80
N GLU B 47 -8.87 -6.94 21.97
CA GLU B 47 -9.70 -7.32 20.83
C GLU B 47 -9.99 -6.12 19.93
N ASP B 48 -10.14 -4.95 20.51
CA ASP B 48 -10.39 -3.74 19.73
C ASP B 48 -9.12 -3.30 19.00
N PHE B 49 -8.00 -3.37 19.73
CA PHE B 49 -6.68 -3.05 19.22
C PHE B 49 -6.43 -3.85 17.95
N ILE B 50 -6.75 -5.14 18.03
CA ILE B 50 -6.58 -6.08 16.94
C ILE B 50 -7.54 -5.86 15.78
N GLU B 51 -8.82 -5.66 16.09
CA GLU B 51 -9.83 -5.46 15.05
C GLU B 51 -9.48 -4.24 14.20
N GLU B 52 -8.97 -3.21 14.86
CA GLU B 52 -8.46 -2.03 14.20
C GLU B 52 -7.48 -2.44 13.10
N ALA B 53 -6.53 -3.31 13.44
CA ALA B 53 -5.56 -3.79 12.47
C ALA B 53 -6.26 -4.55 11.35
N GLU B 54 -7.21 -5.39 11.73
CA GLU B 54 -7.97 -6.22 10.79
C GLU B 54 -8.68 -5.37 9.76
N VAL B 55 -9.25 -4.27 10.20
CA VAL B 55 -9.95 -3.38 9.31
C VAL B 55 -8.94 -2.79 8.34
N MET B 56 -7.82 -2.33 8.87
CA MET B 56 -6.82 -1.64 8.05
C MET B 56 -6.19 -2.58 7.02
N MET B 57 -6.06 -3.85 7.37
CA MET B 57 -5.43 -4.81 6.46
C MET B 57 -6.29 -5.18 5.24
N LYS B 58 -7.55 -4.76 5.25
CA LYS B 58 -8.41 -5.05 4.08
C LYS B 58 -8.80 -3.81 3.30
N LEU B 59 -8.02 -2.74 3.48
CA LEU B 59 -8.25 -1.46 2.85
C LEU B 59 -6.95 -1.05 2.17
N SER B 60 -6.86 -1.36 0.89
CA SER B 60 -5.63 -1.11 0.15
C SER B 60 -5.73 0.11 -0.79
N HIS B 61 -5.00 1.17 -0.44
CA HIS B 61 -4.93 2.37 -1.25
C HIS B 61 -3.54 3.02 -1.11
N PRO B 62 -3.04 3.62 -2.19
CA PRO B 62 -1.65 4.10 -2.09
C PRO B 62 -1.48 5.26 -1.08
N LYS B 63 -2.57 5.86 -0.63
CA LYS B 63 -2.48 6.96 0.31
C LYS B 63 -3.01 6.59 1.70
N LEU B 64 -3.12 5.30 1.96
CA LEU B 64 -3.49 4.79 3.28
C LEU B 64 -2.35 3.89 3.79
N VAL B 65 -1.93 4.11 5.03
CA VAL B 65 -0.79 3.40 5.56
C VAL B 65 -1.04 1.89 5.66
N GLN B 66 0.04 1.12 5.58
CA GLN B 66 -0.07 -0.32 5.53
C GLN B 66 0.65 -0.99 6.70
N LEU B 67 0.22 -2.21 7.00
CA LEU B 67 0.81 -3.02 8.05
C LEU B 67 1.50 -4.22 7.45
N TYR B 68 2.60 -4.63 8.06
CA TYR B 68 3.18 -5.91 7.72
C TYR B 68 2.40 -7.02 8.41
N GLY B 69 1.84 -6.73 9.57
CA GLY B 69 1.04 -7.73 10.26
C GLY B 69 0.83 -7.39 11.71
N VAL B 70 0.42 -8.40 12.49
CA VAL B 70 0.12 -8.21 13.90
C VAL B 70 0.95 -9.18 14.75
N CYS B 71 1.41 -8.73 15.91
CA CYS B 71 2.22 -9.59 16.78
C CYS B 71 1.48 -9.82 18.09
N LEU B 72 0.79 -10.95 18.17
CA LEU B 72 -0.16 -11.23 19.26
C LEU B 72 0.46 -12.05 20.38
N GLU B 73 1.57 -12.72 20.07
CA GLU B 73 2.08 -13.76 20.94
C GLU B 73 2.44 -13.28 22.34
N GLN B 74 3.15 -12.16 22.45
CA GLN B 74 3.43 -11.68 23.80
C GLN B 74 3.01 -10.26 24.12
N ALA B 75 2.35 -10.13 25.27
CA ALA B 75 1.97 -8.83 25.81
C ALA B 75 3.22 -8.07 26.26
N PRO B 76 3.23 -6.76 26.03
CA PRO B 76 2.10 -6.07 25.40
C PRO B 76 2.06 -6.35 23.89
N ILE B 77 0.89 -6.63 23.33
CA ILE B 77 0.82 -6.97 21.91
C ILE B 77 1.11 -5.75 21.04
N CYS B 78 1.48 -5.98 19.79
CA CYS B 78 1.79 -4.84 18.93
C CYS B 78 1.37 -5.01 17.48
N LEU B 79 1.22 -3.87 16.83
CA LEU B 79 0.88 -3.80 15.42
C LEU B 79 2.16 -3.39 14.69
N VAL B 80 2.40 -3.96 13.52
CA VAL B 80 3.65 -3.65 12.81
C VAL B 80 3.39 -2.96 11.48
N PHE B 81 3.61 -1.64 11.47
CA PHE B 81 3.36 -0.83 10.28
C PHE B 81 4.62 -0.65 9.46
N GLU B 82 4.47 -0.36 8.17
CA GLU B 82 5.57 0.12 7.35
C GLU B 82 6.16 1.39 7.98
N PHE B 83 7.47 1.55 7.90
CA PHE B 83 8.08 2.76 8.43
C PHE B 83 7.86 3.93 7.47
N MET B 84 7.48 5.08 8.01
CA MET B 84 7.34 6.28 7.19
C MET B 84 8.48 7.21 7.59
N GLU B 85 9.38 7.50 6.65
CA GLU B 85 10.65 8.12 7.00
CA GLU B 85 10.66 8.14 6.98
C GLU B 85 10.54 9.46 7.72
N HIS B 86 9.53 10.27 7.38
CA HIS B 86 9.43 11.58 7.99
C HIS B 86 8.36 11.66 9.08
N GLY B 87 7.75 10.52 9.37
CA GLY B 87 6.87 10.42 10.52
C GLY B 87 5.59 11.21 10.42
N CYS B 88 5.15 11.69 11.58
CA CYS B 88 3.89 12.41 11.68
CA CYS B 88 3.92 12.43 11.74
C CYS B 88 3.89 13.71 10.90
N LEU B 89 2.85 13.89 10.10
CA LEU B 89 2.74 15.08 9.27
C LEU B 89 2.78 16.39 10.10
N SER B 90 2.02 16.45 11.18
CA SER B 90 2.10 17.62 12.07
C SER B 90 3.54 17.95 12.46
N ASP B 91 4.33 16.94 12.85
CA ASP B 91 5.71 17.17 13.26
C ASP B 91 6.59 17.64 12.11
N TYR B 92 6.45 16.96 10.97
CA TYR B 92 7.23 17.26 9.78
C TYR B 92 7.04 18.71 9.35
N LEU B 93 5.78 19.14 9.32
CA LEU B 93 5.44 20.53 8.97
C LEU B 93 6.14 21.51 9.90
N ARG B 94 6.12 21.22 11.20
CA ARG B 94 6.69 22.12 12.20
C ARG B 94 8.20 22.20 12.10
N THR B 95 8.85 21.07 11.90
CA THR B 95 10.30 21.08 11.91
C THR B 95 10.86 21.68 10.62
N GLN B 96 10.18 21.43 9.51
CA GLN B 96 10.61 21.95 8.21
C GLN B 96 9.93 23.27 7.83
N ARG B 97 9.22 23.87 8.79
CA ARG B 97 8.56 25.15 8.56
C ARG B 97 9.50 26.18 7.92
N GLY B 98 9.04 26.85 6.87
CA GLY B 98 9.84 27.83 6.17
C GLY B 98 10.38 27.31 4.86
N LEU B 99 10.38 25.98 4.70
CA LEU B 99 11.02 25.35 3.55
C LEU B 99 10.04 24.83 2.50
N PHE B 100 8.76 24.73 2.82
CA PHE B 100 7.81 24.16 1.88
C PHE B 100 7.37 25.13 0.77
N ALA B 101 7.31 24.62 -0.45
CA ALA B 101 6.68 25.35 -1.53
C ALA B 101 5.16 25.14 -1.44
N ALA B 102 4.39 26.13 -1.89
CA ALA B 102 2.93 26.02 -1.92
C ALA B 102 2.43 24.79 -2.70
N GLU B 103 3.10 24.48 -3.81
CA GLU B 103 2.74 23.34 -4.63
C GLU B 103 2.88 22.04 -3.83
N THR B 104 3.94 21.96 -3.02
CA THR B 104 4.16 20.81 -2.17
C THR B 104 3.01 20.66 -1.16
N LEU B 105 2.61 21.78 -0.54
CA LEU B 105 1.55 21.74 0.46
C LEU B 105 0.23 21.29 -0.18
N LEU B 106 -0.07 21.82 -1.35
CA LEU B 106 -1.29 21.41 -2.06
C LEU B 106 -1.22 19.91 -2.40
N GLY B 107 -0.05 19.42 -2.79
CA GLY B 107 0.10 18.02 -3.12
C GLY B 107 -0.19 17.14 -1.93
N MET B 108 0.16 17.62 -0.75
CA MET B 108 -0.08 16.86 0.47
C MET B 108 -1.59 16.71 0.72
N CYS B 109 -2.36 17.77 0.48
CA CYS B 109 -3.80 17.72 0.71
C CYS B 109 -4.46 16.76 -0.27
N LEU B 110 -3.98 16.76 -1.50
CA LEU B 110 -4.42 15.82 -2.53
C LEU B 110 -4.23 14.37 -2.10
N ASP B 111 -3.06 14.09 -1.54
CA ASP B 111 -2.74 12.74 -1.09
C ASP B 111 -3.78 12.28 -0.08
N VAL B 112 -4.00 13.09 0.95
CA VAL B 112 -4.94 12.77 2.01
C VAL B 112 -6.34 12.60 1.41
N CYS B 113 -6.70 13.48 0.50
CA CYS B 113 -8.06 13.50 -0.05
C CYS B 113 -8.29 12.24 -0.87
N GLU B 114 -7.25 11.76 -1.54
CA GLU B 114 -7.34 10.52 -2.28
C GLU B 114 -7.65 9.35 -1.33
N GLY B 115 -6.88 9.22 -0.26
CA GLY B 115 -7.14 8.21 0.74
C GLY B 115 -8.55 8.31 1.32
N MET B 116 -8.97 9.53 1.67
CA MET B 116 -10.30 9.72 2.25
C MET B 116 -11.42 9.37 1.27
N ALA B 117 -11.22 9.65 0.00
CA ALA B 117 -12.24 9.31 -0.98
C ALA B 117 -12.44 7.80 -1.01
N TYR B 118 -11.34 7.08 -0.91
CA TYR B 118 -11.40 5.62 -0.86
C TYR B 118 -12.16 5.15 0.39
N LEU B 119 -11.81 5.70 1.54
CA LEU B 119 -12.49 5.28 2.78
C LEU B 119 -13.96 5.61 2.71
N GLU B 120 -14.25 6.82 2.24
CA GLU B 120 -15.60 7.28 2.04
C GLU B 120 -16.42 6.26 1.22
N GLU B 121 -15.88 5.88 0.07
CA GLU B 121 -16.56 4.92 -0.79
C GLU B 121 -16.85 3.62 -0.05
N ALA B 122 -15.95 3.26 0.86
CA ALA B 122 -16.11 2.04 1.66
C ALA B 122 -16.94 2.27 2.93
N SER B 123 -17.58 3.43 3.04
CA SER B 123 -18.38 3.74 4.21
C SER B 123 -17.56 3.71 5.49
N VAL B 124 -16.27 3.97 5.38
CA VAL B 124 -15.44 4.11 6.59
C VAL B 124 -15.39 5.57 7.04
N ILE B 125 -15.83 5.81 8.27
CA ILE B 125 -15.78 7.13 8.87
C ILE B 125 -14.56 7.24 9.78
N HIS B 126 -13.64 8.16 9.46
CA HIS B 126 -12.39 8.26 10.21
C HIS B 126 -12.57 8.78 11.64
N ARG B 127 -13.28 9.91 11.78
CA ARG B 127 -13.57 10.53 13.08
C ARG B 127 -12.44 11.35 13.71
N ASP B 128 -11.19 11.20 13.24
CA ASP B 128 -10.07 11.93 13.85
C ASP B 128 -9.07 12.40 12.81
N LEU B 129 -9.57 12.96 11.71
CA LEU B 129 -8.73 13.32 10.59
C LEU B 129 -7.98 14.63 10.85
N ALA B 130 -6.71 14.51 11.22
CA ALA B 130 -5.89 15.68 11.51
C ALA B 130 -4.46 15.39 11.09
N ALA B 131 -3.63 16.43 11.00
CA ALA B 131 -2.27 16.27 10.52
C ALA B 131 -1.51 15.23 11.34
N ARG B 132 -1.77 15.18 12.64
CA ARG B 132 -1.06 14.28 13.55
C ARG B 132 -1.48 12.84 13.29
N ASN B 133 -2.53 12.64 12.51
CA ASN B 133 -2.97 11.30 12.14
C ASN B 133 -2.70 10.94 10.69
N CYS B 134 -1.75 11.65 10.09
CA CYS B 134 -1.28 11.36 8.74
C CYS B 134 0.23 11.20 8.84
N LEU B 135 0.81 10.49 7.87
CA LEU B 135 2.24 10.19 7.88
C LEU B 135 2.91 10.53 6.55
N VAL B 136 4.22 10.80 6.63
CA VAL B 136 4.99 11.32 5.51
C VAL B 136 6.07 10.32 5.16
N GLY B 137 5.97 9.74 3.97
CA GLY B 137 6.87 8.68 3.59
C GLY B 137 7.98 9.16 2.68
N GLU B 138 8.43 8.25 1.81
CA GLU B 138 9.44 8.55 0.82
C GLU B 138 8.85 9.52 -0.18
N ASN B 139 9.68 10.46 -0.63
CA ASN B 139 9.26 11.52 -1.55
C ASN B 139 8.13 12.38 -1.00
N GLN B 140 7.94 12.31 0.31
CA GLN B 140 6.99 13.16 0.99
C GLN B 140 5.55 12.81 0.62
N VAL B 141 5.32 11.57 0.19
CA VAL B 141 3.96 11.13 0.00
C VAL B 141 3.30 11.16 1.37
N ILE B 142 2.00 11.43 1.42
CA ILE B 142 1.32 11.46 2.68
C ILE B 142 0.33 10.32 2.71
N LYS B 143 0.29 9.60 3.83
CA LYS B 143 -0.71 8.57 3.99
C LYS B 143 -1.56 8.82 5.22
N VAL B 144 -2.84 8.50 5.10
CA VAL B 144 -3.74 8.60 6.23
C VAL B 144 -3.48 7.40 7.12
N SER B 145 -3.53 7.62 8.42
CA SER B 145 -3.35 6.56 9.40
C SER B 145 -4.55 6.48 10.35
N ASP B 146 -4.57 5.45 11.19
CA ASP B 146 -5.63 5.26 12.19
C ASP B 146 -7.04 5.33 11.65
N PHE B 147 -7.32 4.65 10.55
CA PHE B 147 -8.66 4.65 9.96
C PHE B 147 -9.42 3.35 10.21
N GLY B 148 -8.91 2.51 11.10
CA GLY B 148 -9.50 1.20 11.33
C GLY B 148 -10.54 1.10 12.44
N MET B 149 -10.80 2.20 13.14
CA MET B 149 -11.67 2.13 14.32
C MET B 149 -13.13 2.46 14.01
N THR B 150 -13.96 1.43 13.91
CA THR B 150 -15.37 1.58 13.58
C THR B 150 -16.25 1.63 14.83
N ARG B 151 -15.62 1.51 15.99
CA ARG B 151 -16.31 1.46 17.27
C ARG B 151 -17.55 0.57 17.21
N PHE B 166 -14.30 15.49 21.74
CA PHE B 166 -13.11 15.88 22.49
C PHE B 166 -12.40 17.05 21.83
N PRO B 167 -11.87 16.81 20.60
CA PRO B 167 -11.11 17.80 19.83
C PRO B 167 -12.03 18.70 19.00
N VAL B 168 -12.61 19.70 19.66
CA VAL B 168 -13.49 20.67 19.02
C VAL B 168 -12.88 21.35 17.79
N LYS B 169 -11.57 21.60 17.85
CA LYS B 169 -10.88 22.33 16.78
C LYS B 169 -10.99 21.67 15.40
N TRP B 170 -11.30 20.39 15.36
CA TRP B 170 -11.45 19.70 14.07
C TRP B 170 -12.90 19.31 13.83
N ALA B 171 -13.78 19.74 14.75
CA ALA B 171 -15.16 19.25 14.77
C ALA B 171 -16.17 20.10 13.98
N SER B 172 -16.94 19.45 13.11
CA SER B 172 -18.04 20.11 12.46
C SER B 172 -19.08 20.44 13.52
N PRO B 173 -20.00 21.35 13.21
CA PRO B 173 -21.07 21.72 14.14
C PRO B 173 -21.91 20.51 14.55
N GLU B 174 -22.27 19.65 13.60
CA GLU B 174 -23.12 18.52 13.95
C GLU B 174 -22.37 17.52 14.84
N VAL B 175 -21.05 17.56 14.79
CA VAL B 175 -20.26 16.75 15.71
C VAL B 175 -20.24 17.35 17.12
N PHE B 176 -19.85 18.62 17.26
CA PHE B 176 -19.78 19.19 18.61
C PHE B 176 -21.15 19.40 19.26
N SER B 177 -22.20 19.50 18.45
CA SER B 177 -23.57 19.64 18.96
C SER B 177 -24.29 18.31 19.17
N PHE B 178 -24.18 17.40 18.22
CA PHE B 178 -24.97 16.18 18.28
C PHE B 178 -24.14 14.90 18.23
N SER B 179 -22.82 15.04 18.20
CA SER B 179 -21.95 13.89 18.10
C SER B 179 -22.34 13.04 16.88
N ARG B 180 -22.71 13.72 15.80
CA ARG B 180 -23.13 13.06 14.56
C ARG B 180 -21.95 12.94 13.59
N TYR B 181 -21.41 11.74 13.45
CA TYR B 181 -20.28 11.53 12.57
C TYR B 181 -20.72 10.96 11.22
N SER B 182 -19.97 11.33 10.18
CA SER B 182 -20.21 10.84 8.84
C SER B 182 -19.01 11.26 8.00
N SER B 183 -18.95 10.75 6.78
CA SER B 183 -17.93 11.21 5.85
C SER B 183 -17.97 12.74 5.74
N LYS B 184 -19.16 13.33 5.90
CA LYS B 184 -19.25 14.78 5.81
C LYS B 184 -18.59 15.51 6.99
N SER B 185 -18.68 14.95 8.20
CA SER B 185 -17.88 15.50 9.29
C SER B 185 -16.37 15.25 9.09
N ASP B 186 -16.02 14.11 8.51
CA ASP B 186 -14.61 13.90 8.10
C ASP B 186 -14.15 15.03 7.16
N VAL B 187 -14.99 15.37 6.19
CA VAL B 187 -14.67 16.47 5.28
C VAL B 187 -14.46 17.80 5.99
N TRP B 188 -15.28 18.10 6.99
CA TRP B 188 -15.04 19.29 7.79
C TRP B 188 -13.65 19.21 8.39
N SER B 189 -13.37 18.07 9.00
CA SER B 189 -12.07 17.84 9.62
C SER B 189 -10.92 17.99 8.61
N PHE B 190 -11.14 17.47 7.40
CA PHE B 190 -10.15 17.59 6.35
C PHE B 190 -9.83 19.06 6.03
N GLY B 191 -10.86 19.88 6.03
CA GLY B 191 -10.66 21.30 5.80
C GLY B 191 -9.72 21.87 6.83
N VAL B 192 -9.90 21.48 8.08
CA VAL B 192 -9.00 21.96 9.12
C VAL B 192 -7.60 21.42 8.84
N LEU B 193 -7.54 20.16 8.40
CA LEU B 193 -6.25 19.57 8.04
C LEU B 193 -5.52 20.40 6.98
N MET B 194 -6.24 20.78 5.93
CA MET B 194 -5.68 21.66 4.92
C MET B 194 -5.06 22.89 5.59
N TRP B 195 -5.78 23.45 6.55
CA TRP B 195 -5.30 24.64 7.24
C TRP B 195 -3.97 24.35 7.91
N GLU B 196 -3.90 23.23 8.60
CA GLU B 196 -2.65 22.82 9.24
C GLU B 196 -1.51 22.75 8.21
N VAL B 197 -1.79 22.14 7.08
CA VAL B 197 -0.78 21.98 6.06
C VAL B 197 -0.25 23.30 5.51
N PHE B 198 -1.15 24.17 5.05
CA PHE B 198 -0.73 25.43 4.47
C PHE B 198 -0.17 26.39 5.51
N SER B 199 -0.50 26.15 6.77
CA SER B 199 0.01 26.99 7.86
C SER B 199 1.30 26.37 8.42
N GLU B 200 1.73 25.29 7.80
CA GLU B 200 2.97 24.62 8.18
C GLU B 200 2.96 24.16 9.63
N GLY B 201 1.86 23.52 10.03
CA GLY B 201 1.79 22.91 11.35
C GLY B 201 1.41 23.83 12.49
N LYS B 202 0.98 25.05 12.21
CA LYS B 202 0.46 25.92 13.28
C LYS B 202 -0.76 25.29 13.96
N ILE B 203 -1.07 25.77 15.17
CA ILE B 203 -2.25 25.31 15.91
C ILE B 203 -3.52 26.04 15.45
N PRO B 204 -4.55 25.28 15.02
CA PRO B 204 -5.77 25.98 14.62
C PRO B 204 -6.45 26.56 15.85
N TYR B 205 -7.01 27.77 15.73
CA TYR B 205 -7.67 28.44 16.85
C TYR B 205 -6.75 28.48 18.07
N GLU B 206 -5.53 28.95 17.89
CA GLU B 206 -4.52 28.82 18.94
C GLU B 206 -4.89 29.56 20.24
N ASN B 207 -5.29 30.82 20.14
CA ASN B 207 -5.60 31.54 21.38
C ASN B 207 -7.04 31.32 21.88
N ARG B 208 -7.68 30.24 21.46
CA ARG B 208 -9.12 30.12 21.70
C ARG B 208 -9.56 28.94 22.55
N SER B 209 -10.48 29.22 23.47
CA SER B 209 -11.07 28.19 24.31
C SER B 209 -12.08 27.43 23.49
N ASN B 210 -12.44 26.24 23.95
CA ASN B 210 -13.45 25.44 23.29
C ASN B 210 -14.73 26.22 23.04
N SER B 211 -15.24 26.90 24.07
CA SER B 211 -16.49 27.61 23.93
C SER B 211 -16.35 28.72 22.90
N GLU B 212 -15.17 29.33 22.82
CA GLU B 212 -14.96 30.41 21.88
C GLU B 212 -15.06 29.87 20.46
N VAL B 213 -14.43 28.71 20.26
CA VAL B 213 -14.47 28.05 18.96
C VAL B 213 -15.92 27.74 18.58
N VAL B 214 -16.66 27.14 19.51
CA VAL B 214 -18.06 26.80 19.23
C VAL B 214 -18.82 28.04 18.77
N GLU B 215 -18.63 29.14 19.49
CA GLU B 215 -19.31 30.38 19.18
C GLU B 215 -18.90 30.89 17.82
N ASP B 216 -17.58 31.05 17.61
CA ASP B 216 -17.10 31.57 16.33
C ASP B 216 -17.63 30.77 15.15
N ILE B 217 -17.52 29.45 15.23
CA ILE B 217 -18.03 28.60 14.16
C ILE B 217 -19.53 28.78 14.02
N SER B 218 -20.26 28.67 15.12
CA SER B 218 -21.72 28.75 15.09
C SER B 218 -22.22 30.05 14.48
N THR B 219 -21.40 31.09 14.53
CA THR B 219 -21.80 32.36 13.98
C THR B 219 -21.22 32.59 12.57
N GLY B 220 -20.66 31.54 11.98
CA GLY B 220 -20.24 31.58 10.58
C GLY B 220 -18.78 31.95 10.30
N PHE B 221 -18.01 32.15 11.36
CA PHE B 221 -16.62 32.53 11.22
C PHE B 221 -15.75 31.30 11.00
N ARG B 222 -14.65 31.50 10.29
CA ARG B 222 -13.76 30.41 9.90
C ARG B 222 -12.29 30.80 10.06
N LEU B 223 -11.43 29.79 10.15
CA LEU B 223 -9.97 29.99 10.19
C LEU B 223 -9.50 30.95 9.12
N TYR B 224 -8.68 31.93 9.48
CA TYR B 224 -8.11 32.85 8.50
C TYR B 224 -7.35 32.08 7.44
N LYS B 225 -7.19 32.68 6.25
CA LYS B 225 -6.40 32.09 5.16
C LYS B 225 -4.89 32.17 5.42
N PRO B 226 -4.20 31.01 5.46
CA PRO B 226 -2.75 31.09 5.66
C PRO B 226 -2.01 31.83 4.54
N ARG B 227 -0.89 32.47 4.86
CA ARG B 227 -0.07 33.19 3.87
C ARG B 227 0.15 32.38 2.61
N LEU B 228 0.48 31.10 2.78
CA LEU B 228 0.85 30.26 1.65
C LEU B 228 -0.36 29.68 0.89
N ALA B 229 -1.56 29.85 1.42
CA ALA B 229 -2.76 29.38 0.73
C ALA B 229 -3.21 30.42 -0.28
N SER B 230 -3.45 30.02 -1.53
CA SER B 230 -4.00 30.97 -2.48
C SER B 230 -5.48 31.14 -2.16
N THR B 231 -6.14 32.08 -2.84
CA THR B 231 -7.56 32.27 -2.64
C THR B 231 -8.32 31.06 -3.13
N HIS B 232 -7.78 30.35 -4.12
CA HIS B 232 -8.41 29.14 -4.63
C HIS B 232 -8.37 28.02 -3.60
N VAL B 233 -7.21 27.85 -2.95
CA VAL B 233 -7.09 26.89 -1.87
C VAL B 233 -8.10 27.24 -0.76
N TYR B 234 -8.11 28.49 -0.35
CA TYR B 234 -9.01 28.92 0.71
C TYR B 234 -10.49 28.68 0.36
N GLN B 235 -10.84 28.82 -0.91
CA GLN B 235 -12.21 28.56 -1.34
C GLN B 235 -12.59 27.14 -0.95
N ILE B 236 -11.72 26.21 -1.27
CA ILE B 236 -11.99 24.80 -1.03
C ILE B 236 -12.07 24.51 0.47
N MET B 237 -11.23 25.16 1.25
CA MET B 237 -11.31 25.01 2.70
C MET B 237 -12.74 25.33 3.10
N ASN B 238 -13.24 26.45 2.58
CA ASN B 238 -14.57 26.91 2.94
C ASN B 238 -15.73 26.01 2.52
N HIS B 239 -15.57 25.29 1.41
CA HIS B 239 -16.54 24.28 1.02
C HIS B 239 -16.61 23.19 2.08
N CYS B 240 -15.46 22.86 2.61
CA CYS B 240 -15.37 21.84 3.66
C CYS B 240 -16.04 22.34 4.94
N TRP B 241 -16.09 23.65 5.11
CA TRP B 241 -16.60 24.23 6.35
C TRP B 241 -18.02 24.78 6.19
N LYS B 242 -18.80 24.15 5.32
CA LYS B 242 -20.22 24.48 5.21
C LYS B 242 -20.94 24.02 6.47
N GLU B 243 -21.82 24.86 6.97
CA GLU B 243 -22.55 24.59 8.20
C GLU B 243 -23.26 23.24 8.11
N ARG B 244 -24.04 23.05 7.06
CA ARG B 244 -24.76 21.79 6.90
C ARG B 244 -23.91 20.76 6.19
N PRO B 245 -23.83 19.56 6.76
CA PRO B 245 -23.09 18.47 6.11
C PRO B 245 -23.55 18.27 4.67
N GLU B 246 -24.82 18.52 4.37
CA GLU B 246 -25.30 18.25 3.02
C GLU B 246 -24.78 19.27 2.02
N ASP B 247 -24.17 20.33 2.53
CA ASP B 247 -23.63 21.37 1.64
C ASP B 247 -22.14 21.21 1.40
N ARG B 248 -21.51 20.31 2.13
CA ARG B 248 -20.09 20.03 1.93
C ARG B 248 -19.94 19.00 0.81
N PRO B 249 -18.90 19.16 -0.03
CA PRO B 249 -18.73 18.16 -1.09
C PRO B 249 -18.22 16.83 -0.53
N ALA B 250 -18.67 15.71 -1.10
CA ALA B 250 -18.08 14.41 -0.79
C ALA B 250 -16.58 14.49 -1.07
N PHE B 251 -15.80 13.63 -0.40
CA PHE B 251 -14.37 13.55 -0.66
C PHE B 251 -14.13 13.27 -2.14
N SER B 252 -15.01 12.48 -2.75
CA SER B 252 -14.89 12.18 -4.17
C SER B 252 -14.94 13.44 -5.04
N ARG B 253 -15.79 14.39 -4.67
CA ARG B 253 -15.86 15.63 -5.44
C ARG B 253 -14.74 16.61 -5.06
N LEU B 254 -14.41 16.67 -3.78
CA LEU B 254 -13.34 17.53 -3.27
C LEU B 254 -12.05 17.29 -4.03
N LEU B 255 -11.83 16.04 -4.37
CA LEU B 255 -10.61 15.62 -5.02
C LEU B 255 -10.46 16.37 -6.33
N ARG B 256 -11.54 16.39 -7.11
CA ARG B 256 -11.52 17.05 -8.41
C ARG B 256 -11.37 18.58 -8.27
N GLN B 257 -11.91 19.14 -7.20
CA GLN B 257 -11.71 20.55 -6.92
C GLN B 257 -10.25 20.86 -6.63
N LEU B 258 -9.62 20.00 -5.85
CA LEU B 258 -8.22 20.21 -5.49
C LEU B 258 -7.30 20.05 -6.70
N ALA B 259 -7.60 19.08 -7.55
CA ALA B 259 -6.77 18.82 -8.72
C ALA B 259 -6.82 19.98 -9.72
N ALA B 260 -8.00 20.57 -9.89
CA ALA B 260 -8.18 21.69 -10.82
C ALA B 260 -7.30 22.89 -10.44
N ILE B 261 -7.14 23.13 -9.16
CA ILE B 261 -6.32 24.26 -8.69
C ILE B 261 -4.84 24.06 -8.99
N ALA B 262 -4.39 22.82 -8.87
CA ALA B 262 -3.01 22.49 -9.22
C ALA B 262 -2.82 22.69 -10.72
N ALA B 263 -3.81 22.23 -11.49
CA ALA B 263 -3.78 22.35 -12.94
C ALA B 263 -3.77 23.80 -13.43
N SER B 264 -4.66 24.62 -12.88
CA SER B 264 -4.86 25.99 -13.35
C SER B 264 -3.66 26.90 -13.11
N GLY B 265 -2.90 26.62 -12.05
CA GLY B 265 -1.78 27.45 -11.66
C GLY B 265 -2.17 28.89 -11.36
#